data_5Q13
#
_entry.id   5Q13
#
_cell.length_a   72.035
_cell.length_b   36.405
_cell.length_c   95.533
_cell.angle_alpha   90.000
_cell.angle_beta   99.420
_cell.angle_gamma   90.000
#
_symmetry.space_group_name_H-M   'P 1 21 1'
#
loop_
_entity.id
_entity.type
_entity.pdbx_description
1 polymer 'Bile acid receptor'
2 polymer 'COACTIVATOR PEPTIDE SRC-1 HD3'
3 non-polymer (2S)-2-[6-chloro-2-(4-chlorophenyl)-5-fluoro-1H-benzimidazol-1-yl]-N-cyclohexyl-2-[(2S)-oxan-2-yl]acetamide
4 water water
#
loop_
_entity_poly.entity_id
_entity_poly.type
_entity_poly.pdbx_seq_one_letter_code
_entity_poly.pdbx_strand_id
1 'polypeptide(L)'
;GSHMELTPDQQTLLHFIMDSYNKQRMPQEITNKILKEAFSAEENFLILTEMATNHVQVLVEFTKKLPGFQTLDHEDQIAL
LKGSAVEAMFLRSAEIFNKKLPSGHSDLLEARIRNSGISDEYITPMFSFYKSIGELKMTQEEYALLTAIVILSPDRQYIK
DREAVEKLQEPLLDVLQKLCKIHQPENPQHFACLLGRLTELRTFNHHHAEMLMSWRVNDHKFTPLLCEIWDVQ
;
A,C
2 'polypeptide(L)' KDHQLLRYLLDKDE B,D
#
loop_
_chem_comp.id
_chem_comp.type
_chem_comp.name
_chem_comp.formula
9MD non-polymer (2S)-2-[6-chloro-2-(4-chlorophenyl)-5-fluoro-1H-benzimidazol-1-yl]-N-cyclohexyl-2-[(2S)-oxan-2-yl]acetamide 'C26 H28 Cl2 F N3 O2'
#
# COMPACT_ATOMS: atom_id res chain seq x y z
N SER A 2 10.56 -7.09 -2.08
CA SER A 2 9.39 -6.45 -1.48
C SER A 2 8.49 -7.41 -0.78
N HIS A 3 7.50 -6.86 -0.05
CA HIS A 3 6.57 -7.58 0.81
C HIS A 3 5.29 -6.71 1.01
N MET A 4 4.38 -7.32 1.76
CA MET A 4 3.10 -6.90 2.19
C MET A 4 3.02 -6.92 3.68
N GLU A 5 3.43 -5.80 4.22
CA GLU A 5 3.40 -5.58 5.60
C GLU A 5 3.38 -4.11 5.87
N LEU A 6 2.91 -3.77 7.04
CA LEU A 6 2.88 -2.39 7.49
C LEU A 6 4.35 -2.01 7.83
N THR A 7 4.71 -0.74 7.66
CA THR A 7 6.04 -0.29 8.05
C THR A 7 6.08 -0.23 9.60
N PRO A 8 7.28 -0.17 10.25
CA PRO A 8 7.33 -0.16 11.71
C PRO A 8 6.52 0.96 12.38
N ASP A 9 6.49 2.17 11.79
CA ASP A 9 5.72 3.28 12.34
C ASP A 9 4.19 2.96 12.27
N GLN A 10 3.71 2.30 11.19
CA GLN A 10 2.30 1.91 11.06
C GLN A 10 1.93 0.82 12.06
N GLN A 11 2.83 -0.15 12.28
CA GLN A 11 2.63 -1.24 13.25
C GLN A 11 2.51 -0.65 14.66
N THR A 12 3.32 0.37 14.97
CA THR A 12 3.28 1.04 16.27
C THR A 12 1.97 1.79 16.47
N LEU A 13 1.59 2.63 15.51
CA LEU A 13 0.34 3.39 15.50
C LEU A 13 -0.86 2.41 15.69
N LEU A 14 -0.85 1.27 14.95
CA LEU A 14 -1.94 0.29 15.07
C LEU A 14 -1.93 -0.36 16.47
N HIS A 15 -0.74 -0.64 17.01
CA HIS A 15 -0.61 -1.23 18.35
C HIS A 15 -1.28 -0.39 19.45
N PHE A 16 -1.09 0.95 19.44
CA PHE A 16 -1.70 1.80 20.47
C PHE A 16 -3.20 1.99 20.24
N ILE A 17 -3.67 1.93 18.98
CA ILE A 17 -5.10 1.97 18.68
C ILE A 17 -5.73 0.67 19.21
N MET A 18 -5.04 -0.48 19.02
CA MET A 18 -5.51 -1.79 19.52
C MET A 18 -5.49 -1.87 21.04
N ASP A 19 -4.40 -1.44 21.71
CA ASP A 19 -4.30 -1.42 23.19
C ASP A 19 -5.44 -0.57 23.80
N SER A 20 -5.74 0.59 23.18
CA SER A 20 -6.81 1.49 23.62
CA SER A 20 -6.79 1.49 23.61
C SER A 20 -8.18 0.87 23.36
N TYR A 21 -8.41 0.33 22.14
CA TYR A 21 -9.70 -0.27 21.78
C TYR A 21 -10.06 -1.49 22.62
N ASN A 22 -9.05 -2.35 22.95
CA ASN A 22 -9.21 -3.58 23.72
CA ASN A 22 -9.23 -3.59 23.71
C ASN A 22 -9.39 -3.34 25.22
N LYS A 23 -9.30 -2.07 25.66
CA LYS A 23 -9.50 -1.68 27.05
C LYS A 23 -11.02 -1.68 27.32
N GLN A 24 -11.54 -2.88 27.59
CA GLN A 24 -12.96 -3.13 27.85
C GLN A 24 -13.13 -3.88 29.16
N ARG A 25 -13.60 -3.16 30.20
CA ARG A 25 -13.85 -3.68 31.54
C ARG A 25 -15.08 -4.59 31.49
N MET A 26 -14.90 -5.87 31.87
CA MET A 26 -15.94 -6.92 31.94
C MET A 26 -16.80 -7.02 30.64
N PRO A 27 -16.29 -7.60 29.52
CA PRO A 27 -17.11 -7.66 28.29
C PRO A 27 -18.29 -8.64 28.36
N GLN A 28 -18.31 -9.51 29.38
CA GLN A 28 -19.37 -10.49 29.62
C GLN A 28 -20.65 -9.81 30.18
N GLU A 29 -20.50 -8.62 30.78
CA GLU A 29 -21.56 -7.83 31.43
C GLU A 29 -22.77 -7.58 30.54
N ILE A 30 -22.55 -6.99 29.33
CA ILE A 30 -23.63 -6.70 28.39
C ILE A 30 -24.34 -8.00 27.96
N THR A 31 -23.56 -9.06 27.65
CA THR A 31 -24.06 -10.39 27.28
C THR A 31 -25.03 -10.90 28.35
N ASN A 32 -24.60 -10.85 29.62
CA ASN A 32 -25.43 -11.31 30.72
C ASN A 32 -26.67 -10.44 30.94
N LYS A 33 -26.57 -9.11 30.74
CA LYS A 33 -27.74 -8.22 30.87
C LYS A 33 -28.83 -8.58 29.84
N ILE A 34 -28.43 -8.85 28.57
CA ILE A 34 -29.35 -9.22 27.51
C ILE A 34 -30.08 -10.52 27.86
N LEU A 35 -29.34 -11.47 28.41
CA LEU A 35 -29.86 -12.79 28.76
C LEU A 35 -30.65 -12.87 30.07
N LYS A 36 -30.19 -12.18 31.13
CA LYS A 36 -30.74 -12.35 32.49
C LYS A 36 -31.69 -11.28 33.07
N GLU A 37 -31.60 -10.01 32.63
CA GLU A 37 -32.46 -8.94 33.17
C GLU A 37 -33.95 -9.15 32.88
N ALA A 38 -34.80 -8.36 33.56
CA ALA A 38 -36.26 -8.34 33.37
C ALA A 38 -36.56 -7.88 31.93
N PHE A 39 -37.64 -8.40 31.33
CA PHE A 39 -38.05 -8.04 29.96
C PHE A 39 -39.24 -7.08 30.01
N SER A 40 -38.95 -5.84 30.36
CA SER A 40 -39.92 -4.76 30.46
C SER A 40 -39.39 -3.60 29.65
N ALA A 41 -40.29 -2.72 29.16
CA ALA A 41 -39.88 -1.52 28.42
C ALA A 41 -38.90 -0.66 29.22
N GLU A 42 -39.11 -0.56 30.56
CA GLU A 42 -38.27 0.21 31.49
C GLU A 42 -36.87 -0.40 31.64
N GLU A 43 -36.77 -1.73 31.83
CA GLU A 43 -35.47 -2.39 31.96
C GLU A 43 -34.64 -2.30 30.65
N ASN A 44 -35.30 -2.46 29.49
CA ASN A 44 -34.67 -2.40 28.16
C ASN A 44 -34.09 -1.01 27.92
N PHE A 45 -34.86 0.05 28.27
CA PHE A 45 -34.41 1.44 28.15
C PHE A 45 -33.26 1.73 29.09
N LEU A 46 -33.28 1.12 30.28
CA LEU A 46 -32.24 1.28 31.28
C LEU A 46 -30.93 0.65 30.83
N ILE A 47 -30.99 -0.51 30.15
CA ILE A 47 -29.79 -1.18 29.62
C ILE A 47 -29.16 -0.22 28.61
N LEU A 48 -29.98 0.35 27.71
CA LEU A 48 -29.49 1.28 26.70
C LEU A 48 -28.79 2.50 27.31
N THR A 49 -29.42 3.18 28.29
CA THR A 49 -28.79 4.38 28.89
C THR A 49 -27.57 4.01 29.70
N GLU A 50 -27.60 2.87 30.41
CA GLU A 50 -26.45 2.42 31.19
C GLU A 50 -25.26 2.06 30.24
N MET A 51 -25.55 1.30 29.16
CA MET A 51 -24.51 0.89 28.20
C MET A 51 -23.99 2.06 27.39
N ALA A 52 -24.90 2.94 26.89
CA ALA A 52 -24.55 4.16 26.12
C ALA A 52 -23.69 5.11 26.94
N THR A 53 -24.00 5.28 28.27
CA THR A 53 -23.21 6.12 29.17
C THR A 53 -21.79 5.55 29.36
N ASN A 54 -21.67 4.23 29.62
CA ASN A 54 -20.37 3.57 29.80
C ASN A 54 -19.57 3.70 28.51
N HIS A 55 -20.27 3.56 27.36
CA HIS A 55 -19.65 3.70 26.05
C HIS A 55 -19.09 5.10 25.80
N VAL A 56 -19.78 6.16 26.22
CA VAL A 56 -19.28 7.54 26.05
C VAL A 56 -17.94 7.70 26.79
N GLN A 57 -17.86 7.19 28.04
CA GLN A 57 -16.65 7.22 28.86
C GLN A 57 -15.51 6.53 28.12
N VAL A 58 -15.79 5.32 27.59
CA VAL A 58 -14.85 4.50 26.82
C VAL A 58 -14.39 5.25 25.55
N LEU A 59 -15.34 5.86 24.82
CA LEU A 59 -15.10 6.61 23.59
C LEU A 59 -14.17 7.82 23.84
N VAL A 60 -14.42 8.61 24.91
CA VAL A 60 -13.55 9.78 25.20
C VAL A 60 -12.09 9.31 25.46
N GLU A 61 -11.90 8.23 26.25
CA GLU A 61 -10.57 7.68 26.57
C GLU A 61 -9.87 7.18 25.32
N PHE A 62 -10.61 6.49 24.45
CA PHE A 62 -10.10 6.02 23.15
C PHE A 62 -9.71 7.22 22.26
N THR A 63 -10.62 8.21 22.13
CA THR A 63 -10.43 9.42 21.32
C THR A 63 -9.17 10.23 21.73
N LYS A 64 -9.06 10.60 23.01
CA LYS A 64 -7.94 11.42 23.47
C LYS A 64 -6.57 10.79 23.23
N LYS A 65 -6.51 9.46 23.04
CA LYS A 65 -5.27 8.73 22.80
C LYS A 65 -5.01 8.52 21.28
N LEU A 66 -5.96 8.95 20.43
CA LEU A 66 -5.82 8.83 18.98
C LEU A 66 -4.59 9.61 18.49
N PRO A 67 -3.79 9.04 17.56
CA PRO A 67 -2.55 9.72 17.14
C PRO A 67 -2.81 11.11 16.56
N GLY A 68 -2.23 12.10 17.23
CA GLY A 68 -2.31 13.51 16.90
C GLY A 68 -3.53 14.22 17.43
N PHE A 69 -4.44 13.54 18.16
CA PHE A 69 -5.66 14.20 18.65
C PHE A 69 -5.35 15.38 19.59
N GLN A 70 -4.27 15.30 20.36
CA GLN A 70 -3.92 16.40 21.26
C GLN A 70 -3.32 17.61 20.52
N THR A 71 -2.98 17.48 19.23
CA THR A 71 -2.46 18.64 18.48
C THR A 71 -3.61 19.52 18.01
N LEU A 72 -4.85 19.00 18.10
CA LEU A 72 -6.05 19.71 17.66
C LEU A 72 -6.56 20.81 18.56
N ASP A 73 -7.08 21.86 17.92
CA ASP A 73 -7.76 22.97 18.59
C ASP A 73 -8.85 22.35 19.50
N HIS A 74 -8.98 22.87 20.73
CA HIS A 74 -9.86 22.32 21.76
C HIS A 74 -11.36 22.35 21.41
N GLU A 75 -11.81 23.34 20.63
CA GLU A 75 -13.21 23.41 20.17
C GLU A 75 -13.44 22.33 19.11
N ASP A 76 -12.45 22.12 18.21
CA ASP A 76 -12.58 21.06 17.20
C ASP A 76 -12.54 19.67 17.84
N GLN A 77 -11.80 19.50 18.95
CA GLN A 77 -11.76 18.23 19.68
C GLN A 77 -13.18 17.85 20.20
N ILE A 78 -13.89 18.79 20.83
CA ILE A 78 -15.26 18.62 21.36
C ILE A 78 -16.24 18.36 20.21
N ALA A 79 -16.08 19.11 19.09
CA ALA A 79 -16.97 18.96 17.92
C ALA A 79 -16.82 17.57 17.27
N LEU A 80 -15.57 17.02 17.20
CA LEU A 80 -15.34 15.68 16.63
C LEU A 80 -15.99 14.62 17.52
N LEU A 81 -15.82 14.74 18.85
CA LEU A 81 -16.40 13.84 19.83
C LEU A 81 -17.95 13.86 19.77
N LYS A 82 -18.56 15.07 19.81
CA LYS A 82 -20.01 15.18 19.72
C LYS A 82 -20.56 14.71 18.36
N GLY A 83 -19.86 15.03 17.27
CA GLY A 83 -20.27 14.69 15.91
C GLY A 83 -20.17 13.22 15.56
N SER A 84 -19.31 12.46 16.26
CA SER A 84 -19.10 11.04 15.96
C SER A 84 -19.72 10.07 16.97
N ALA A 85 -20.19 10.55 18.13
CA ALA A 85 -20.73 9.70 19.21
C ALA A 85 -21.83 8.72 18.78
N VAL A 86 -22.77 9.18 17.99
CA VAL A 86 -23.90 8.39 17.52
C VAL A 86 -23.41 7.27 16.61
N GLU A 87 -22.65 7.62 15.56
CA GLU A 87 -22.09 6.61 14.67
C GLU A 87 -21.24 5.59 15.42
N ALA A 88 -20.38 6.05 16.38
CA ALA A 88 -19.52 5.13 17.13
C ALA A 88 -20.38 4.12 17.94
N MET A 89 -21.48 4.59 18.56
CA MET A 89 -22.40 3.75 19.31
C MET A 89 -23.01 2.65 18.44
N PHE A 90 -23.47 3.03 17.24
CA PHE A 90 -24.05 2.09 16.28
C PHE A 90 -23.02 1.10 15.75
N LEU A 91 -21.79 1.56 15.46
CA LEU A 91 -20.71 0.66 15.00
C LEU A 91 -20.36 -0.35 16.12
N ARG A 92 -20.23 0.14 17.37
CA ARG A 92 -19.94 -0.69 18.54
C ARG A 92 -21.06 -1.71 18.80
N SER A 93 -22.32 -1.29 18.62
CA SER A 93 -23.49 -2.18 18.78
C SER A 93 -23.42 -3.28 17.73
N ALA A 94 -23.07 -2.92 16.46
CA ALA A 94 -22.94 -3.85 15.31
C ALA A 94 -21.84 -4.85 15.59
N GLU A 95 -20.75 -4.42 16.27
CA GLU A 95 -19.66 -5.32 16.66
C GLU A 95 -20.17 -6.38 17.66
N ILE A 96 -20.83 -5.95 18.74
CA ILE A 96 -21.34 -6.87 19.75
C ILE A 96 -22.41 -7.79 19.15
N PHE A 97 -23.28 -7.25 18.29
CA PHE A 97 -24.36 -7.99 17.63
C PHE A 97 -23.86 -9.23 16.91
N ASN A 98 -22.71 -9.09 16.25
CA ASN A 98 -22.05 -10.08 15.42
C ASN A 98 -21.00 -10.93 16.12
N LYS A 99 -20.85 -10.78 17.45
CA LYS A 99 -19.86 -11.58 18.18
C LYS A 99 -20.41 -13.00 18.40
N LYS A 100 -19.51 -13.99 18.66
CA LYS A 100 -19.96 -15.34 18.96
C LYS A 100 -20.58 -15.21 20.36
N LEU A 101 -21.90 -15.42 20.42
CA LEU A 101 -22.70 -15.25 21.63
C LEU A 101 -23.53 -16.49 21.89
N PRO A 102 -23.98 -16.75 23.16
CA PRO A 102 -24.75 -17.97 23.42
C PRO A 102 -26.06 -18.06 22.63
N SER A 103 -26.56 -19.30 22.47
CA SER A 103 -27.82 -19.58 21.77
C SER A 103 -28.93 -18.75 22.40
N GLY A 104 -29.75 -18.14 21.55
CA GLY A 104 -30.87 -17.33 22.02
C GLY A 104 -30.54 -15.87 22.24
N HIS A 105 -29.23 -15.50 22.38
CA HIS A 105 -28.81 -14.11 22.58
C HIS A 105 -29.37 -13.18 21.50
N SER A 106 -29.24 -13.56 20.22
CA SER A 106 -29.75 -12.75 19.10
C SER A 106 -31.28 -12.54 19.21
N ASP A 107 -32.03 -13.60 19.51
CA ASP A 107 -33.48 -13.54 19.66
C ASP A 107 -33.88 -12.65 20.85
N LEU A 108 -33.20 -12.81 22.02
CA LEU A 108 -33.48 -12.01 23.22
C LEU A 108 -33.09 -10.57 23.05
N LEU A 109 -31.97 -10.30 22.37
CA LEU A 109 -31.55 -8.93 22.09
C LEU A 109 -32.58 -8.23 21.21
N GLU A 110 -33.05 -8.93 20.14
CA GLU A 110 -34.05 -8.36 19.24
CA GLU A 110 -34.05 -8.38 19.22
C GLU A 110 -35.35 -8.09 19.99
N ALA A 111 -35.81 -9.05 20.83
CA ALA A 111 -37.03 -8.91 21.66
C ALA A 111 -36.94 -7.63 22.52
N ARG A 112 -35.72 -7.33 23.04
CA ARG A 112 -35.46 -6.15 23.84
C ARG A 112 -35.48 -4.87 23.01
N ILE A 113 -34.77 -4.87 21.87
CA ILE A 113 -34.70 -3.69 20.97
C ILE A 113 -36.12 -3.27 20.50
N ARG A 114 -36.97 -4.27 20.22
CA ARG A 114 -38.37 -4.10 19.81
C ARG A 114 -39.32 -3.72 20.96
N ASN A 115 -38.79 -3.60 22.18
CA ASN A 115 -39.55 -3.21 23.36
C ASN A 115 -38.74 -2.15 24.15
N SER A 116 -38.23 -1.14 23.42
CA SER A 116 -37.39 -0.06 23.97
C SER A 116 -37.92 1.34 23.62
N GLY A 117 -39.12 1.40 23.06
CA GLY A 117 -39.75 2.66 22.67
C GLY A 117 -39.13 3.21 21.40
N ILE A 118 -38.67 2.31 20.53
CA ILE A 118 -38.06 2.62 19.23
C ILE A 118 -39.07 2.20 18.18
N SER A 119 -39.40 3.10 17.26
CA SER A 119 -40.34 2.82 16.17
C SER A 119 -39.74 1.80 15.19
N ASP A 120 -40.60 0.94 14.61
CA ASP A 120 -40.27 -0.08 13.61
C ASP A 120 -39.46 0.48 12.44
N GLU A 121 -39.78 1.73 12.04
CA GLU A 121 -39.12 2.49 10.99
C GLU A 121 -37.59 2.57 11.21
N TYR A 122 -37.14 2.62 12.47
CA TYR A 122 -35.70 2.73 12.77
C TYR A 122 -35.05 1.37 13.08
N ILE A 123 -35.83 0.38 13.53
CA ILE A 123 -35.31 -0.95 13.83
C ILE A 123 -34.85 -1.67 12.55
N THR A 124 -35.61 -1.50 11.45
CA THR A 124 -35.32 -2.10 10.13
C THR A 124 -33.92 -1.66 9.64
N PRO A 125 -33.59 -0.35 9.45
CA PRO A 125 -32.21 -0.02 9.01
C PRO A 125 -31.13 -0.41 10.02
N MET A 126 -31.47 -0.45 11.34
CA MET A 126 -30.52 -0.83 12.41
CA MET A 126 -30.54 -0.85 12.42
C MET A 126 -30.09 -2.30 12.19
N PHE A 127 -31.06 -3.22 12.05
CA PHE A 127 -30.78 -4.65 11.82
C PHE A 127 -30.11 -4.90 10.47
N SER A 128 -30.49 -4.15 9.43
CA SER A 128 -29.90 -4.23 8.10
C SER A 128 -28.40 -3.85 8.16
N PHE A 129 -28.09 -2.76 8.88
CA PHE A 129 -26.71 -2.33 9.05
C PHE A 129 -25.90 -3.40 9.78
N TYR A 130 -26.45 -3.94 10.90
CA TYR A 130 -25.80 -4.98 11.72
C TYR A 130 -25.48 -6.20 10.87
N LYS A 131 -26.44 -6.62 10.02
CA LYS A 131 -26.26 -7.76 9.14
C LYS A 131 -25.18 -7.49 8.07
N SER A 132 -25.15 -6.28 7.48
CA SER A 132 -24.14 -5.92 6.47
CA SER A 132 -24.14 -5.92 6.47
C SER A 132 -22.73 -5.92 7.08
N ILE A 133 -22.61 -5.53 8.38
CA ILE A 133 -21.36 -5.49 9.13
C ILE A 133 -20.92 -6.95 9.34
N GLY A 134 -21.88 -7.80 9.70
CA GLY A 134 -21.67 -9.24 9.91
C GLY A 134 -21.14 -9.97 8.70
N GLU A 135 -21.65 -9.63 7.50
CA GLU A 135 -21.24 -10.24 6.23
C GLU A 135 -19.79 -9.96 5.88
N LEU A 136 -19.25 -8.81 6.35
CA LEU A 136 -17.86 -8.41 6.11
C LEU A 136 -16.84 -9.20 6.92
N LYS A 137 -17.27 -9.91 7.99
CA LYS A 137 -16.43 -10.77 8.85
C LYS A 137 -15.22 -9.99 9.36
N MET A 138 -15.50 -8.82 9.92
CA MET A 138 -14.51 -7.86 10.38
C MET A 138 -13.66 -8.33 11.54
N THR A 139 -12.36 -8.03 11.45
CA THR A 139 -11.38 -8.32 12.50
C THR A 139 -11.47 -7.22 13.54
N GLN A 140 -10.84 -7.41 14.71
CA GLN A 140 -10.83 -6.40 15.77
C GLN A 140 -10.10 -5.14 15.27
N GLU A 141 -9.03 -5.32 14.46
CA GLU A 141 -8.24 -4.23 13.86
C GLU A 141 -9.13 -3.34 13.00
N GLU A 142 -10.01 -3.97 12.19
CA GLU A 142 -10.96 -3.26 11.34
C GLU A 142 -11.97 -2.45 12.15
N TYR A 143 -12.55 -3.03 13.22
CA TYR A 143 -13.49 -2.30 14.10
C TYR A 143 -12.81 -1.12 14.77
N ALA A 144 -11.58 -1.31 15.26
CA ALA A 144 -10.80 -0.27 15.96
C ALA A 144 -10.44 0.86 15.02
N LEU A 145 -9.94 0.52 13.80
CA LEU A 145 -9.55 1.52 12.82
C LEU A 145 -10.75 2.24 12.25
N LEU A 146 -11.88 1.52 11.99
CA LEU A 146 -13.09 2.17 11.50
C LEU A 146 -13.64 3.16 12.51
N THR A 147 -13.57 2.83 13.82
CA THR A 147 -14.00 3.70 14.91
C THR A 147 -13.13 4.99 14.92
N ALA A 148 -11.81 4.83 14.83
CA ALA A 148 -10.87 5.96 14.79
C ALA A 148 -11.15 6.85 13.58
N ILE A 149 -11.50 6.23 12.42
CA ILE A 149 -11.80 6.94 11.17
C ILE A 149 -13.10 7.72 11.29
N VAL A 150 -14.08 7.15 12.00
CA VAL A 150 -15.38 7.78 12.24
C VAL A 150 -15.20 9.02 13.13
N ILE A 151 -14.40 8.90 14.20
CA ILE A 151 -14.12 10.01 15.13
C ILE A 151 -13.35 11.13 14.39
N LEU A 152 -12.33 10.75 13.62
CA LEU A 152 -11.51 11.72 12.90
C LEU A 152 -12.06 12.06 11.49
N SER A 153 -13.39 12.21 11.38
CA SER A 153 -14.01 12.54 10.10
C SER A 153 -13.96 14.03 9.89
N PRO A 154 -13.29 14.53 8.83
CA PRO A 154 -13.24 15.98 8.61
C PRO A 154 -14.43 16.53 7.85
N ASP A 155 -15.34 15.68 7.36
CA ASP A 155 -16.43 16.08 6.45
C ASP A 155 -17.86 15.79 6.93
N ARG A 156 -18.11 15.71 8.25
CA ARG A 156 -19.45 15.42 8.74
C ARG A 156 -20.07 16.65 9.39
N GLN A 157 -19.47 17.10 10.51
CA GLN A 157 -19.98 18.24 11.25
C GLN A 157 -19.02 19.42 11.08
N TYR A 158 -19.44 20.59 11.57
CA TYR A 158 -18.62 21.78 11.47
C TYR A 158 -17.33 21.64 12.26
N ILE A 159 -16.22 21.95 11.58
CA ILE A 159 -14.83 21.93 12.10
C ILE A 159 -14.16 23.17 11.54
N LYS A 160 -13.45 23.94 12.39
CA LYS A 160 -12.76 25.15 12.00
C LYS A 160 -11.53 24.88 11.13
N ASP A 161 -10.82 23.78 11.39
CA ASP A 161 -9.61 23.46 10.63
C ASP A 161 -9.72 22.02 10.18
N ARG A 162 -10.40 21.80 9.05
CA ARG A 162 -10.64 20.45 8.45
C ARG A 162 -9.37 19.79 7.99
N GLU A 163 -8.41 20.57 7.47
CA GLU A 163 -7.13 20.06 6.99
C GLU A 163 -6.36 19.38 8.09
N ALA A 164 -6.35 19.98 9.30
CA ALA A 164 -5.72 19.39 10.47
C ALA A 164 -6.33 17.99 10.78
N VAL A 165 -7.66 17.85 10.61
CA VAL A 165 -8.35 16.57 10.87
C VAL A 165 -8.08 15.53 9.76
N GLU A 166 -8.12 15.98 8.48
CA GLU A 166 -7.79 15.16 7.30
C GLU A 166 -6.43 14.51 7.49
N LYS A 167 -5.44 15.29 7.93
CA LYS A 167 -4.06 14.86 8.13
C LYS A 167 -3.92 13.77 9.17
N LEU A 168 -4.81 13.76 10.18
CA LEU A 168 -4.83 12.71 11.20
C LEU A 168 -5.57 11.48 10.70
N GLN A 169 -6.62 11.67 9.87
CA GLN A 169 -7.42 10.56 9.35
C GLN A 169 -6.71 9.78 8.24
N GLU A 170 -5.99 10.50 7.33
CA GLU A 170 -5.32 9.87 6.18
C GLU A 170 -4.40 8.70 6.57
N PRO A 171 -3.47 8.80 7.57
CA PRO A 171 -2.67 7.61 7.91
C PRO A 171 -3.51 6.44 8.41
N LEU A 172 -4.70 6.71 9.03
CA LEU A 172 -5.57 5.64 9.52
C LEU A 172 -6.18 4.90 8.38
N LEU A 173 -6.70 5.66 7.38
CA LEU A 173 -7.26 5.10 6.16
C LEU A 173 -6.21 4.27 5.41
N ASP A 174 -4.95 4.76 5.37
CA ASP A 174 -3.83 4.07 4.69
CA ASP A 174 -3.81 4.09 4.71
C ASP A 174 -3.46 2.77 5.39
N VAL A 175 -3.46 2.74 6.73
CA VAL A 175 -3.15 1.53 7.52
C VAL A 175 -4.27 0.50 7.27
N LEU A 176 -5.53 0.98 7.29
CA LEU A 176 -6.71 0.14 7.04
C LEU A 176 -6.68 -0.50 5.64
N GLN A 177 -6.42 0.31 4.61
CA GLN A 177 -6.36 -0.23 3.24
C GLN A 177 -5.24 -1.30 3.12
N LYS A 178 -4.09 -1.05 3.75
CA LYS A 178 -2.96 -1.97 3.69
C LYS A 178 -3.31 -3.27 4.40
N LEU A 179 -4.01 -3.21 5.55
CA LEU A 179 -4.46 -4.40 6.27
C LEU A 179 -5.43 -5.23 5.43
N CYS A 180 -6.28 -4.59 4.61
CA CYS A 180 -7.20 -5.31 3.71
C CYS A 180 -6.42 -6.08 2.64
N LYS A 181 -5.28 -5.52 2.18
CA LYS A 181 -4.42 -6.16 1.18
C LYS A 181 -3.62 -7.32 1.83
N ILE A 182 -3.25 -7.16 3.11
CA ILE A 182 -2.53 -8.21 3.85
C ILE A 182 -3.51 -9.37 4.22
N HIS A 183 -4.64 -9.05 4.87
CA HIS A 183 -5.55 -10.05 5.45
C HIS A 183 -6.67 -10.53 4.56
N GLN A 184 -7.04 -9.79 3.50
CA GLN A 184 -8.07 -10.22 2.57
C GLN A 184 -7.53 -10.06 1.13
N PRO A 185 -6.37 -10.70 0.78
CA PRO A 185 -5.80 -10.51 -0.57
C PRO A 185 -6.64 -11.04 -1.73
N GLU A 186 -7.52 -12.01 -1.46
CA GLU A 186 -8.36 -12.60 -2.50
C GLU A 186 -9.60 -11.75 -2.78
N ASN A 187 -9.79 -10.66 -2.00
CA ASN A 187 -10.93 -9.78 -2.19
C ASN A 187 -10.47 -8.32 -2.31
N PRO A 188 -10.05 -7.89 -3.53
CA PRO A 188 -9.55 -6.51 -3.70
C PRO A 188 -10.56 -5.42 -3.39
N GLN A 189 -11.89 -5.73 -3.47
CA GLN A 189 -12.93 -4.73 -3.18
C GLN A 189 -13.32 -4.63 -1.70
N HIS A 190 -12.58 -5.31 -0.79
CA HIS A 190 -12.87 -5.31 0.65
C HIS A 190 -12.80 -3.93 1.30
N PHE A 191 -11.77 -3.15 0.98
CA PHE A 191 -11.61 -1.80 1.53
C PHE A 191 -12.79 -0.89 1.13
N ALA A 192 -13.17 -0.93 -0.15
CA ALA A 192 -14.30 -0.17 -0.69
C ALA A 192 -15.61 -0.56 0.03
N CYS A 193 -15.76 -1.86 0.43
CA CYS A 193 -16.91 -2.36 1.18
C CYS A 193 -16.94 -1.71 2.58
N LEU A 194 -15.76 -1.62 3.24
CA LEU A 194 -15.64 -0.98 4.55
C LEU A 194 -16.05 0.49 4.45
N LEU A 195 -15.58 1.20 3.41
CA LEU A 195 -15.95 2.61 3.18
C LEU A 195 -17.46 2.72 2.90
N GLY A 196 -18.04 1.67 2.30
CA GLY A 196 -19.48 1.58 2.01
C GLY A 196 -20.29 1.58 3.30
N ARG A 197 -19.76 0.89 4.32
CA ARG A 197 -20.34 0.79 5.65
C ARG A 197 -20.31 2.12 6.42
N LEU A 198 -19.27 2.95 6.19
CA LEU A 198 -19.13 4.28 6.78
C LEU A 198 -20.17 5.22 6.21
N THR A 199 -20.52 5.03 4.93
CA THR A 199 -21.55 5.82 4.24
C THR A 199 -22.89 5.48 4.88
N GLU A 200 -23.18 4.16 5.08
CA GLU A 200 -24.40 3.66 5.72
C GLU A 200 -24.52 4.14 7.17
N LEU A 201 -23.39 4.18 7.91
CA LEU A 201 -23.31 4.65 9.30
C LEU A 201 -23.87 6.09 9.45
N ARG A 202 -23.57 6.98 8.48
CA ARG A 202 -24.01 8.38 8.47
C ARG A 202 -25.54 8.54 8.49
N THR A 203 -26.32 7.56 7.98
CA THR A 203 -27.79 7.64 7.99
C THR A 203 -28.35 7.58 9.42
N PHE A 204 -27.57 7.04 10.38
CA PHE A 204 -28.01 6.89 11.76
C PHE A 204 -28.02 8.22 12.54
N ASN A 205 -27.38 9.27 12.01
CA ASN A 205 -27.41 10.58 12.63
C ASN A 205 -28.86 11.07 12.63
N HIS A 206 -29.53 11.04 11.46
CA HIS A 206 -30.94 11.42 11.33
C HIS A 206 -31.88 10.46 12.10
N HIS A 207 -31.64 9.13 12.01
CA HIS A 207 -32.44 8.12 12.73
C HIS A 207 -32.40 8.36 14.24
N HIS A 208 -31.19 8.50 14.81
CA HIS A 208 -31.01 8.75 16.24
C HIS A 208 -31.67 10.05 16.69
N ALA A 209 -31.62 11.12 15.86
CA ALA A 209 -32.26 12.41 16.20
C ALA A 209 -33.78 12.23 16.34
N GLU A 210 -34.36 11.34 15.53
CA GLU A 210 -35.80 11.05 15.57
C GLU A 210 -36.16 10.15 16.74
N MET A 211 -35.29 9.17 17.10
CA MET A 211 -35.48 8.26 18.25
C MET A 211 -35.45 9.05 19.55
N LEU A 212 -34.51 10.03 19.64
CA LEU A 212 -34.34 10.90 20.80
C LEU A 212 -35.59 11.75 21.00
N MET A 213 -36.09 12.39 19.93
CA MET A 213 -37.30 13.19 20.00
C MET A 213 -38.47 12.35 20.53
N SER A 214 -38.62 11.11 20.04
CA SER A 214 -39.67 10.18 20.49
C SER A 214 -39.52 9.83 21.98
N TRP A 215 -38.29 9.54 22.43
CA TRP A 215 -38.03 9.21 23.82
C TRP A 215 -38.38 10.40 24.73
N ARG A 216 -37.94 11.62 24.35
CA ARG A 216 -38.22 12.85 25.11
C ARG A 216 -39.73 13.13 25.25
N VAL A 217 -40.51 12.90 24.19
CA VAL A 217 -41.98 13.06 24.17
C VAL A 217 -42.63 12.09 25.18
N ASN A 218 -42.07 10.87 25.30
CA ASN A 218 -42.57 9.81 26.18
C ASN A 218 -41.92 9.82 27.58
N ASP A 219 -41.42 10.99 27.99
CA ASP A 219 -40.82 11.34 29.29
C ASP A 219 -39.69 10.40 29.75
N HIS A 220 -38.76 10.08 28.82
CA HIS A 220 -37.60 9.24 29.09
C HIS A 220 -36.47 10.09 29.67
N LYS A 221 -35.79 9.53 30.67
CA LYS A 221 -34.67 10.17 31.38
C LYS A 221 -33.31 9.70 30.85
N PHE A 222 -32.37 10.64 30.72
CA PHE A 222 -30.99 10.38 30.29
C PHE A 222 -30.03 10.94 31.35
N THR A 223 -28.87 10.31 31.45
CA THR A 223 -27.80 10.67 32.36
C THR A 223 -27.16 11.99 31.95
N PRO A 224 -26.57 12.77 32.89
CA PRO A 224 -25.94 14.05 32.49
C PRO A 224 -24.92 13.93 31.33
N LEU A 225 -24.09 12.84 31.33
CA LEU A 225 -23.09 12.61 30.27
C LEU A 225 -23.74 12.39 28.89
N LEU A 226 -24.93 11.75 28.85
CA LEU A 226 -25.66 11.54 27.58
C LEU A 226 -26.29 12.83 27.10
N CYS A 227 -26.88 13.61 28.04
CA CYS A 227 -27.52 14.88 27.75
C CYS A 227 -26.54 15.85 27.11
N GLU A 228 -25.27 15.74 27.49
CA GLU A 228 -24.21 16.59 26.98
C GLU A 228 -23.73 16.16 25.58
N ILE A 229 -23.44 14.87 25.41
CA ILE A 229 -22.87 14.43 24.14
C ILE A 229 -23.94 14.33 23.04
N TRP A 230 -25.20 14.09 23.41
CA TRP A 230 -26.31 13.99 22.46
C TRP A 230 -27.07 15.32 22.35
N ASP A 231 -26.59 16.37 23.05
CA ASP A 231 -27.16 17.72 23.08
C ASP A 231 -28.68 17.71 23.37
N VAL A 232 -29.06 17.06 24.49
CA VAL A 232 -30.44 16.96 24.94
C VAL A 232 -30.81 18.26 25.65
N GLN A 233 -31.43 19.20 24.90
CA GLN A 233 -31.89 20.53 25.35
C GLN A 233 -30.80 21.37 26.03
N GLN B 4 -17.46 21.60 31.69
CA GLN B 4 -18.46 20.58 31.42
C GLN B 4 -17.85 19.18 31.39
N LEU B 5 -18.71 18.16 31.28
CA LEU B 5 -18.31 16.77 31.39
C LEU B 5 -17.34 16.31 30.33
N LEU B 6 -17.59 16.67 29.06
CA LEU B 6 -16.69 16.20 27.99
C LEU B 6 -15.33 16.84 28.05
N ARG B 7 -15.29 18.16 28.35
CA ARG B 7 -14.03 18.88 28.48
C ARG B 7 -13.21 18.27 29.60
N TYR B 8 -13.87 17.93 30.74
CA TYR B 8 -13.19 17.31 31.88
C TYR B 8 -12.56 15.98 31.51
N LEU B 9 -13.34 15.10 30.85
CA LEU B 9 -12.90 13.79 30.42
C LEU B 9 -11.79 13.93 29.37
N LEU B 10 -11.87 14.95 28.52
CA LEU B 10 -10.81 15.15 27.52
C LEU B 10 -9.52 15.69 28.14
N ASP B 11 -9.60 16.72 28.98
CA ASP B 11 -8.41 17.37 29.54
C ASP B 11 -7.80 16.71 30.80
N LYS B 12 -8.49 15.75 31.46
CA LYS B 12 -8.00 15.09 32.68
C LYS B 12 -6.71 14.26 32.48
N ASP B 13 -5.98 14.08 33.60
CA ASP B 13 -4.73 13.31 33.73
C ASP B 13 -3.60 13.87 32.87
N MET C 4 40.97 -14.59 -31.85
CA MET C 4 41.78 -13.52 -31.26
C MET C 4 41.68 -13.47 -29.71
N GLU C 5 42.33 -12.48 -29.09
CA GLU C 5 42.34 -12.32 -27.64
C GLU C 5 42.25 -10.87 -27.22
N LEU C 6 41.69 -10.62 -26.02
CA LEU C 6 41.60 -9.28 -25.48
C LEU C 6 42.99 -8.84 -25.14
N THR C 7 43.29 -7.57 -25.45
CA THR C 7 44.60 -6.99 -25.12
C THR C 7 44.65 -6.78 -23.57
N PRO C 8 45.83 -6.59 -22.93
CA PRO C 8 45.85 -6.40 -21.46
C PRO C 8 44.94 -5.31 -20.91
N ASP C 9 44.81 -4.16 -21.62
CA ASP C 9 43.92 -3.05 -21.21
C ASP C 9 42.47 -3.44 -21.33
N GLN C 10 42.14 -4.32 -22.30
CA GLN C 10 40.76 -4.79 -22.45
C GLN C 10 40.41 -5.77 -21.33
N GLN C 11 41.34 -6.68 -20.95
CA GLN C 11 41.17 -7.64 -19.86
C GLN C 11 40.98 -6.91 -18.54
N THR C 12 41.74 -5.81 -18.32
CA THR C 12 41.68 -4.98 -17.12
C THR C 12 40.33 -4.24 -17.07
N LEU C 13 39.93 -3.63 -18.20
CA LEU C 13 38.66 -2.91 -18.34
C LEU C 13 37.46 -3.88 -18.11
N LEU C 14 37.54 -5.09 -18.68
CA LEU C 14 36.48 -6.09 -18.55
C LEU C 14 36.33 -6.55 -17.10
N HIS C 15 37.47 -6.85 -16.43
CA HIS C 15 37.51 -7.29 -15.04
C HIS C 15 36.84 -6.28 -14.09
N PHE C 16 37.11 -4.97 -14.28
CA PHE C 16 36.48 -3.96 -13.43
C PHE C 16 34.97 -3.90 -13.63
N ILE C 17 34.51 -4.03 -14.90
CA ILE C 17 33.09 -4.01 -15.25
C ILE C 17 32.37 -5.22 -14.63
N MET C 18 33.00 -6.41 -14.66
CA MET C 18 32.44 -7.64 -14.12
C MET C 18 32.31 -7.58 -12.60
N ASP C 19 33.35 -7.07 -11.92
CA ASP C 19 33.35 -6.91 -10.48
C ASP C 19 32.19 -6.01 -10.06
N SER C 20 31.97 -4.88 -10.80
CA SER C 20 30.88 -3.92 -10.54
C SER C 20 29.48 -4.51 -10.83
N TYR C 21 29.34 -5.19 -11.99
CA TYR C 21 28.11 -5.85 -12.44
C TYR C 21 27.63 -6.90 -11.44
N ASN C 22 28.58 -7.66 -10.84
CA ASN C 22 28.30 -8.74 -9.89
C ASN C 22 27.95 -8.24 -8.47
N LYS C 23 27.88 -6.92 -8.26
CA LYS C 23 27.45 -6.34 -6.97
C LYS C 23 25.94 -6.21 -6.90
N GLN C 24 25.27 -6.46 -8.04
CA GLN C 24 23.82 -6.43 -8.20
C GLN C 24 23.21 -7.63 -7.49
N ARG C 25 21.96 -7.47 -7.02
CA ARG C 25 21.18 -8.55 -6.38
C ARG C 25 21.25 -9.77 -7.31
N MET C 26 21.69 -10.93 -6.78
CA MET C 26 21.88 -12.16 -7.53
C MET C 26 20.57 -12.66 -8.15
N PRO C 27 20.62 -13.16 -9.41
CA PRO C 27 19.40 -13.71 -10.03
C PRO C 27 18.70 -14.77 -9.18
N GLN C 28 19.48 -15.65 -8.50
CA GLN C 28 18.97 -16.69 -7.59
C GLN C 28 18.12 -16.12 -6.45
N GLU C 29 18.56 -14.99 -5.85
CA GLU C 29 17.81 -14.32 -4.77
C GLU C 29 16.41 -13.91 -5.28
N ILE C 30 16.36 -13.38 -6.50
CA ILE C 30 15.14 -12.93 -7.16
C ILE C 30 14.24 -14.11 -7.57
N THR C 31 14.80 -15.11 -8.27
CA THR C 31 13.99 -16.26 -8.70
C THR C 31 13.57 -17.13 -7.53
N ASN C 32 14.38 -17.26 -6.45
CA ASN C 32 13.95 -18.06 -5.28
C ASN C 32 12.67 -17.45 -4.68
N LYS C 33 12.64 -16.10 -4.58
CA LYS C 33 11.51 -15.33 -4.06
C LYS C 33 10.25 -15.55 -4.92
N ILE C 34 10.38 -15.45 -6.26
CA ILE C 34 9.24 -15.59 -7.16
C ILE C 34 8.76 -17.07 -7.24
N LEU C 35 9.68 -18.04 -7.19
CA LEU C 35 9.31 -19.45 -7.25
C LEU C 35 8.72 -19.99 -5.94
N LYS C 36 9.10 -19.42 -4.77
CA LYS C 36 8.67 -19.89 -3.45
C LYS C 36 7.17 -20.07 -3.34
N GLU C 37 6.40 -19.01 -3.64
CA GLU C 37 4.94 -19.07 -3.61
C GLU C 37 4.34 -18.00 -4.50
N ALA C 38 3.06 -18.16 -4.85
CA ALA C 38 2.32 -17.21 -5.65
C ALA C 38 1.93 -16.02 -4.74
N PHE C 39 1.99 -14.80 -5.27
CA PHE C 39 1.59 -13.60 -4.53
C PHE C 39 0.45 -12.94 -5.26
N SER C 40 -0.31 -12.09 -4.55
CA SER C 40 -1.40 -11.31 -5.11
C SER C 40 -0.83 -10.27 -6.08
N ALA C 41 -1.69 -9.69 -6.93
CA ALA C 41 -1.24 -8.65 -7.87
C ALA C 41 -0.70 -7.46 -7.08
N GLU C 42 -1.31 -7.13 -5.92
CA GLU C 42 -0.87 -6.05 -5.04
C GLU C 42 0.59 -6.25 -4.55
N GLU C 43 0.89 -7.45 -4.05
CA GLU C 43 2.22 -7.84 -3.57
C GLU C 43 3.27 -7.89 -4.71
N ASN C 44 2.90 -8.44 -5.86
CA ASN C 44 3.80 -8.49 -7.03
C ASN C 44 4.21 -7.09 -7.50
N PHE C 45 3.28 -6.11 -7.46
CA PHE C 45 3.59 -4.74 -7.82
C PHE C 45 4.61 -4.16 -6.83
N LEU C 46 4.48 -4.51 -5.53
CA LEU C 46 5.41 -4.06 -4.49
C LEU C 46 6.76 -4.75 -4.57
N ILE C 47 6.78 -6.04 -4.99
CA ILE C 47 8.03 -6.79 -5.24
C ILE C 47 8.79 -6.05 -6.35
N LEU C 48 8.10 -5.69 -7.46
CA LEU C 48 8.72 -4.96 -8.57
C LEU C 48 9.29 -3.60 -8.13
N THR C 49 8.51 -2.78 -7.40
CA THR C 49 8.99 -1.44 -7.00
C THR C 49 10.23 -1.57 -6.11
N GLU C 50 10.22 -2.52 -5.16
CA GLU C 50 11.36 -2.76 -4.29
C GLU C 50 12.57 -3.27 -5.12
N MET C 51 12.35 -4.26 -6.00
CA MET C 51 13.39 -4.79 -6.89
C MET C 51 14.03 -3.69 -7.75
N ALA C 52 13.18 -2.84 -8.37
CA ALA C 52 13.60 -1.75 -9.22
C ALA C 52 14.35 -0.63 -8.46
N THR C 53 13.98 -0.37 -7.19
CA THR C 53 14.63 0.61 -6.32
C THR C 53 16.07 0.16 -6.02
N ASN C 54 16.26 -1.13 -5.62
CA ASN C 54 17.59 -1.69 -5.37
C ASN C 54 18.39 -1.69 -6.70
N HIS C 55 17.73 -2.04 -7.80
CA HIS C 55 18.36 -2.05 -9.13
C HIS C 55 18.94 -0.67 -9.51
N VAL C 56 18.14 0.42 -9.40
CA VAL C 56 18.62 1.77 -9.75
C VAL C 56 19.81 2.17 -8.85
N GLN C 57 19.69 1.92 -7.53
CA GLN C 57 20.76 2.24 -6.57
C GLN C 57 22.09 1.61 -6.97
N VAL C 58 22.09 0.30 -7.25
CA VAL C 58 23.30 -0.43 -7.65
C VAL C 58 23.72 -0.03 -9.06
N LEU C 59 22.74 0.31 -9.94
CA LEU C 59 23.03 0.78 -11.31
C LEU C 59 23.85 2.07 -11.26
N VAL C 60 23.53 2.98 -10.32
CA VAL C 60 24.28 4.23 -10.14
C VAL C 60 25.74 3.93 -9.77
N GLU C 61 25.95 2.96 -8.86
CA GLU C 61 27.30 2.54 -8.42
C GLU C 61 28.11 1.96 -9.57
N PHE C 62 27.45 1.13 -10.40
CA PHE C 62 28.05 0.51 -11.60
C PHE C 62 28.44 1.60 -12.62
N THR C 63 27.50 2.51 -12.92
CA THR C 63 27.68 3.60 -13.90
C THR C 63 28.88 4.50 -13.55
N LYS C 64 28.99 4.92 -12.29
CA LYS C 64 30.06 5.83 -11.87
C LYS C 64 31.44 5.19 -11.90
N LYS C 65 31.50 3.85 -11.92
CA LYS C 65 32.76 3.12 -12.01
C LYS C 65 33.08 2.79 -13.46
N LEU C 66 32.14 3.06 -14.42
CA LEU C 66 32.36 2.75 -15.84
C LEU C 66 33.60 3.49 -16.37
N PRO C 67 34.43 2.87 -17.24
CA PRO C 67 35.68 3.54 -17.68
C PRO C 67 35.44 4.90 -18.32
N GLY C 68 36.02 5.93 -17.72
CA GLY C 68 35.92 7.31 -18.20
C GLY C 68 34.65 8.04 -17.79
N PHE C 69 33.70 7.39 -17.07
CA PHE C 69 32.45 8.07 -16.69
C PHE C 69 32.68 9.35 -15.86
N GLN C 70 33.68 9.35 -14.96
CA GLN C 70 34.00 10.50 -14.11
C GLN C 70 34.60 11.68 -14.91
N THR C 71 35.07 11.45 -16.15
CA THR C 71 35.60 12.53 -16.98
C THR C 71 34.48 13.37 -17.58
N LEU C 72 33.25 12.82 -17.64
CA LEU C 72 32.09 13.50 -18.23
C LEU C 72 31.57 14.66 -17.40
N ASP C 73 31.01 15.65 -18.09
CA ASP C 73 30.31 16.80 -17.52
C ASP C 73 29.23 16.22 -16.61
N HIS C 74 29.06 16.76 -15.38
CA HIS C 74 28.11 16.24 -14.39
C HIS C 74 26.65 16.26 -14.85
N GLU C 75 26.22 17.23 -15.68
CA GLU C 75 24.84 17.28 -16.17
CA GLU C 75 24.84 17.29 -16.17
C GLU C 75 24.61 16.19 -17.21
N ASP C 76 25.65 15.90 -18.05
CA ASP C 76 25.60 14.82 -19.03
C ASP C 76 25.59 13.46 -18.30
N GLN C 77 26.24 13.38 -17.10
CA GLN C 77 26.21 12.17 -16.25
C GLN C 77 24.78 11.81 -15.85
N ILE C 78 23.98 12.79 -15.37
CA ILE C 78 22.57 12.65 -14.93
C ILE C 78 21.70 12.20 -16.11
N ALA C 79 21.88 12.85 -17.27
CA ALA C 79 21.16 12.53 -18.50
C ALA C 79 21.37 11.08 -18.96
N LEU C 80 22.61 10.58 -18.86
CA LEU C 80 22.91 9.18 -19.21
C LEU C 80 22.25 8.19 -18.23
N LEU C 81 22.31 8.52 -16.95
CA LEU C 81 21.75 7.72 -15.87
C LEU C 81 20.22 7.66 -15.99
N LYS C 82 19.55 8.83 -16.11
CA LYS C 82 18.11 8.94 -16.30
C LYS C 82 17.68 8.19 -17.55
N GLY C 83 18.37 8.42 -18.67
CA GLY C 83 18.06 7.83 -19.96
C GLY C 83 18.25 6.33 -20.09
N SER C 84 19.03 5.71 -19.20
CA SER C 84 19.33 4.27 -19.29
C SER C 84 18.62 3.37 -18.28
N ALA C 85 18.11 3.91 -17.17
CA ALA C 85 17.58 3.08 -16.09
C ALA C 85 16.47 2.11 -16.51
N VAL C 86 15.54 2.53 -17.35
CA VAL C 86 14.46 1.63 -17.78
C VAL C 86 15.00 0.48 -18.64
N GLU C 87 15.84 0.79 -19.64
CA GLU C 87 16.45 -0.22 -20.52
C GLU C 87 17.34 -1.20 -19.75
N ALA C 88 18.13 -0.70 -18.76
CA ALA C 88 19.02 -1.53 -17.95
C ALA C 88 18.21 -2.52 -17.09
N MET C 89 17.05 -2.06 -16.60
CA MET C 89 16.12 -2.84 -15.78
C MET C 89 15.54 -3.99 -16.63
N PHE C 90 15.10 -3.71 -17.87
CA PHE C 90 14.56 -4.75 -18.75
C PHE C 90 15.63 -5.75 -19.25
N LEU C 91 16.86 -5.27 -19.49
CA LEU C 91 17.97 -6.12 -19.90
C LEU C 91 18.37 -7.09 -18.77
N ARG C 92 18.40 -6.60 -17.51
CA ARG C 92 18.69 -7.43 -16.34
C ARG C 92 17.57 -8.45 -16.14
N SER C 93 16.31 -8.03 -16.33
CA SER C 93 15.13 -8.91 -16.24
C SER C 93 15.26 -10.07 -17.23
N ALA C 94 15.66 -9.77 -18.49
CA ALA C 94 15.91 -10.72 -19.57
C ALA C 94 17.04 -11.70 -19.20
N GLU C 95 18.13 -11.19 -18.61
CA GLU C 95 19.23 -12.04 -18.16
C GLU C 95 18.71 -13.05 -17.12
N ILE C 96 17.94 -12.57 -16.15
CA ILE C 96 17.41 -13.43 -15.09
C ILE C 96 16.44 -14.46 -15.65
N PHE C 97 15.57 -14.04 -16.58
CA PHE C 97 14.56 -14.92 -17.19
C PHE C 97 15.20 -16.11 -17.93
N ASN C 98 16.39 -15.89 -18.51
CA ASN C 98 17.04 -16.90 -19.33
C ASN C 98 18.08 -17.73 -18.59
N LYS C 99 18.26 -17.54 -17.27
CA LYS C 99 19.24 -18.32 -16.52
C LYS C 99 18.74 -19.76 -16.33
N LYS C 100 19.63 -20.75 -16.55
CA LYS C 100 19.28 -22.17 -16.45
C LYS C 100 18.86 -22.54 -15.02
N LEU C 101 17.66 -23.11 -14.85
CA LEU C 101 17.13 -23.49 -13.54
C LEU C 101 16.82 -24.98 -13.52
N PRO C 102 16.63 -25.65 -12.35
CA PRO C 102 16.23 -27.08 -12.38
C PRO C 102 14.93 -27.31 -13.17
N SER C 103 14.72 -28.53 -13.70
CA SER C 103 13.53 -28.91 -14.50
C SER C 103 12.21 -28.33 -13.97
N GLY C 104 11.46 -27.69 -14.87
CA GLY C 104 10.17 -27.06 -14.57
C GLY C 104 10.22 -25.71 -13.87
N HIS C 105 11.41 -25.27 -13.36
CA HIS C 105 11.47 -23.99 -12.64
C HIS C 105 11.29 -22.79 -13.56
N SER C 106 11.88 -22.83 -14.78
CA SER C 106 11.73 -21.74 -15.74
C SER C 106 10.30 -21.60 -16.25
N ASP C 107 9.53 -22.72 -16.35
CA ASP C 107 8.12 -22.72 -16.76
C ASP C 107 7.27 -22.14 -15.67
N LEU C 108 7.52 -22.52 -14.39
CA LEU C 108 6.82 -21.94 -13.25
C LEU C 108 7.17 -20.45 -13.18
N LEU C 109 8.45 -20.08 -13.40
CA LEU C 109 8.88 -18.67 -13.36
C LEU C 109 8.06 -17.82 -14.34
N GLU C 110 7.99 -18.26 -15.60
CA GLU C 110 7.23 -17.60 -16.67
C GLU C 110 5.73 -17.48 -16.35
N ALA C 111 5.15 -18.55 -15.79
CA ALA C 111 3.73 -18.59 -15.42
C ALA C 111 3.43 -17.58 -14.31
N ARG C 112 4.32 -17.49 -13.29
CA ARG C 112 4.20 -16.53 -12.20
C ARG C 112 4.26 -15.08 -12.74
N ILE C 113 5.16 -14.81 -13.70
CA ILE C 113 5.30 -13.47 -14.29
C ILE C 113 4.06 -13.15 -15.14
N ARG C 114 3.57 -14.14 -15.92
CA ARG C 114 2.37 -13.96 -16.76
C ARG C 114 1.14 -13.64 -15.90
N ASN C 115 1.08 -14.23 -14.68
CA ASN C 115 -0.06 -13.98 -13.78
C ASN C 115 0.25 -12.95 -12.67
N SER C 116 1.30 -12.13 -12.85
CA SER C 116 1.73 -11.18 -11.82
C SER C 116 0.78 -9.98 -11.54
N GLY C 117 -0.13 -9.67 -12.45
CA GLY C 117 -1.02 -8.51 -12.30
C GLY C 117 -0.81 -7.49 -13.40
N ILE C 118 0.32 -7.60 -14.14
CA ILE C 118 0.52 -6.74 -15.31
C ILE C 118 -0.53 -7.17 -16.39
N SER C 119 -1.04 -6.22 -17.19
CA SER C 119 -2.00 -6.52 -18.26
C SER C 119 -1.40 -7.45 -19.29
N ASP C 120 -2.24 -8.38 -19.84
CA ASP C 120 -1.88 -9.32 -20.89
C ASP C 120 -1.26 -8.61 -22.11
N GLU C 121 -1.76 -7.41 -22.45
CA GLU C 121 -1.25 -6.57 -23.55
C GLU C 121 0.28 -6.31 -23.43
N TYR C 122 0.82 -6.22 -22.21
CA TYR C 122 2.25 -5.92 -22.01
C TYR C 122 3.12 -7.15 -21.75
N ILE C 123 2.51 -8.31 -21.42
CA ILE C 123 3.25 -9.58 -21.29
C ILE C 123 3.85 -9.93 -22.67
N THR C 124 3.05 -9.74 -23.74
CA THR C 124 3.47 -10.04 -25.13
C THR C 124 4.79 -9.36 -25.50
N PRO C 125 4.96 -8.01 -25.57
CA PRO C 125 6.27 -7.45 -25.97
C PRO C 125 7.40 -7.78 -24.98
N MET C 126 7.08 -7.96 -23.70
CA MET C 126 8.04 -8.30 -22.65
C MET C 126 8.62 -9.72 -22.87
N PHE C 127 7.75 -10.75 -23.04
CA PHE C 127 8.21 -12.13 -23.28
C PHE C 127 8.87 -12.27 -24.65
N SER C 128 8.39 -11.54 -25.67
CA SER C 128 8.98 -11.56 -27.01
C SER C 128 10.45 -11.12 -26.91
N PHE C 129 10.70 -10.05 -26.15
CA PHE C 129 12.06 -9.55 -25.95
C PHE C 129 12.92 -10.55 -25.13
N TYR C 130 12.39 -11.07 -24.01
CA TYR C 130 13.14 -12.05 -23.18
C TYR C 130 13.56 -13.29 -23.99
N LYS C 131 12.63 -13.81 -24.80
CA LYS C 131 12.85 -14.97 -25.67
C LYS C 131 13.81 -14.67 -26.82
N SER C 132 13.82 -13.42 -27.35
CA SER C 132 14.77 -13.02 -28.40
C SER C 132 16.19 -12.91 -27.82
N ILE C 133 16.31 -12.39 -26.58
CA ILE C 133 17.57 -12.32 -25.80
C ILE C 133 18.06 -13.76 -25.55
N GLY C 134 17.11 -14.62 -25.14
CA GLY C 134 17.32 -16.03 -24.85
C GLY C 134 18.02 -16.78 -25.97
N GLU C 135 17.54 -16.59 -27.21
CA GLU C 135 18.07 -17.19 -28.43
C GLU C 135 19.53 -16.84 -28.69
N LEU C 136 20.01 -15.69 -28.16
CA LEU C 136 21.41 -15.27 -28.36
C LEU C 136 22.43 -15.99 -27.48
N LYS C 137 21.96 -16.78 -26.47
CA LYS C 137 22.81 -17.54 -25.53
C LYS C 137 23.98 -16.69 -25.01
N MET C 138 23.63 -15.50 -24.46
CA MET C 138 24.58 -14.52 -23.97
C MET C 138 25.30 -14.96 -22.71
N THR C 139 26.60 -14.64 -22.66
CA THR C 139 27.45 -14.92 -21.50
C THR C 139 27.23 -13.76 -20.53
N GLN C 140 27.65 -13.91 -19.26
CA GLN C 140 27.57 -12.85 -18.24
C GLN C 140 28.27 -11.59 -18.72
N GLU C 141 29.43 -11.76 -19.39
CA GLU C 141 30.27 -10.69 -19.93
C GLU C 141 29.54 -9.87 -20.98
N GLU C 142 28.78 -10.55 -21.83
CA GLU C 142 27.98 -9.91 -22.86
C GLU C 142 26.87 -9.08 -22.25
N TYR C 143 26.20 -9.60 -21.18
CA TYR C 143 25.14 -8.81 -20.53
C TYR C 143 25.72 -7.58 -19.90
N ALA C 144 26.89 -7.71 -19.24
CA ALA C 144 27.55 -6.56 -18.58
C ALA C 144 27.98 -5.49 -19.55
N LEU C 145 28.63 -5.90 -20.65
CA LEU C 145 29.10 -4.99 -21.69
C LEU C 145 27.95 -4.28 -22.41
N LEU C 146 26.87 -5.03 -22.71
CA LEU C 146 25.67 -4.45 -23.34
C LEU C 146 25.04 -3.42 -22.42
N THR C 147 25.00 -3.70 -21.09
CA THR C 147 24.48 -2.76 -20.06
C THR C 147 25.30 -1.46 -20.09
N ALA C 148 26.64 -1.59 -20.03
CA ALA C 148 27.58 -0.46 -20.10
C ALA C 148 27.37 0.35 -21.41
N ILE C 149 27.12 -0.34 -22.54
CA ILE C 149 26.87 0.27 -23.86
C ILE C 149 25.52 1.00 -23.88
N VAL C 150 24.51 0.45 -23.20
CA VAL C 150 23.19 1.08 -23.06
C VAL C 150 23.34 2.40 -22.28
N ILE C 151 24.08 2.37 -21.15
CA ILE C 151 24.31 3.54 -20.29
C ILE C 151 25.07 4.62 -21.05
N LEU C 152 26.18 4.25 -21.69
CA LEU C 152 26.99 5.21 -22.44
C LEU C 152 26.47 5.42 -23.87
N SER C 153 25.20 5.87 -24.01
CA SER C 153 24.59 6.11 -25.30
C SER C 153 24.69 7.60 -25.68
N PRO C 154 25.44 7.93 -26.76
CA PRO C 154 25.58 9.35 -27.15
C PRO C 154 24.35 10.03 -27.74
N ASP C 155 23.32 9.26 -28.11
CA ASP C 155 22.08 9.82 -28.69
C ASP C 155 21.00 10.11 -27.63
N ARG C 156 21.35 9.96 -26.34
CA ARG C 156 20.49 10.22 -25.20
C ARG C 156 20.07 11.71 -25.17
N GLN C 157 18.81 11.96 -24.80
CA GLN C 157 18.24 13.31 -24.71
C GLN C 157 19.01 14.21 -23.72
N TYR C 158 19.18 15.48 -24.10
CA TYR C 158 19.82 16.58 -23.36
C TYR C 158 21.35 16.45 -23.23
N ILE C 159 22.00 15.54 -23.98
CA ILE C 159 23.47 15.41 -23.94
C ILE C 159 24.08 16.59 -24.69
N LYS C 160 24.80 17.44 -23.93
CA LYS C 160 25.49 18.63 -24.42
C LYS C 160 26.73 18.28 -25.25
N ASP C 161 27.45 17.20 -24.88
CA ASP C 161 28.68 16.79 -25.58
C ASP C 161 28.64 15.30 -25.97
N ARG C 162 28.05 15.01 -27.14
CA ARG C 162 27.90 13.65 -27.68
C ARG C 162 29.21 12.96 -27.99
N GLU C 163 30.18 13.69 -28.57
CA GLU C 163 31.50 13.14 -28.92
C GLU C 163 32.20 12.52 -27.72
N ALA C 164 32.13 13.18 -26.55
CA ALA C 164 32.74 12.69 -25.30
C ALA C 164 32.09 11.36 -24.88
N VAL C 165 30.76 11.22 -25.08
CA VAL C 165 30.02 9.98 -24.77
C VAL C 165 30.41 8.86 -25.75
N GLU C 166 30.49 9.18 -27.07
CA GLU C 166 30.90 8.25 -28.14
C GLU C 166 32.29 7.67 -27.85
N LYS C 167 33.23 8.54 -27.45
CA LYS C 167 34.60 8.15 -27.16
C LYS C 167 34.71 7.12 -26.04
N LEU C 168 33.75 7.12 -25.11
CA LEU C 168 33.72 6.16 -24.01
C LEU C 168 33.00 4.87 -24.41
N GLN C 169 31.99 4.98 -25.28
CA GLN C 169 31.24 3.82 -25.74
C GLN C 169 32.04 2.98 -26.76
N GLU C 170 32.79 3.64 -27.68
CA GLU C 170 33.57 2.94 -28.74
C GLU C 170 34.48 1.84 -28.19
N PRO C 171 35.33 2.03 -27.15
CA PRO C 171 36.15 0.90 -26.66
C PRO C 171 35.32 -0.24 -26.05
N LEU C 172 34.07 0.05 -25.63
CA LEU C 172 33.19 -0.95 -25.04
C LEU C 172 32.56 -1.80 -26.13
N LEU C 173 32.22 -1.17 -27.27
CA LEU C 173 31.70 -1.85 -28.46
C LEU C 173 32.79 -2.72 -29.07
N ASP C 174 34.07 -2.24 -29.04
CA ASP C 174 35.22 -3.01 -29.54
C ASP C 174 35.46 -4.25 -28.65
N VAL C 175 35.35 -4.10 -27.30
CA VAL C 175 35.51 -5.22 -26.34
C VAL C 175 34.39 -6.24 -26.57
N LEU C 176 33.15 -5.77 -26.74
CA LEU C 176 31.99 -6.62 -27.00
C LEU C 176 32.13 -7.35 -28.35
N GLN C 177 32.53 -6.62 -29.39
CA GLN C 177 32.73 -7.20 -30.73
C GLN C 177 33.76 -8.32 -30.64
N LYS C 178 34.87 -8.08 -29.93
CA LYS C 178 35.91 -9.08 -29.76
C LYS C 178 35.43 -10.31 -28.99
N LEU C 179 34.67 -10.11 -27.90
CA LEU C 179 34.11 -11.22 -27.10
C LEU C 179 33.12 -12.04 -27.92
N CYS C 180 32.37 -11.39 -28.82
CA CYS C 180 31.42 -12.04 -29.72
C CYS C 180 32.16 -12.98 -30.66
N LYS C 181 33.32 -12.52 -31.21
CA LYS C 181 34.18 -13.30 -32.09
C LYS C 181 34.82 -14.46 -31.31
N ILE C 182 35.21 -14.22 -30.04
CA ILE C 182 35.87 -15.21 -29.19
C ILE C 182 34.93 -16.34 -28.74
N HIS C 183 33.79 -16.01 -28.13
CA HIS C 183 32.91 -17.03 -27.57
C HIS C 183 31.86 -17.60 -28.56
N GLN C 184 31.83 -17.10 -29.82
CA GLN C 184 30.96 -17.58 -30.92
C GLN C 184 31.62 -17.30 -32.31
N PRO C 185 32.85 -17.82 -32.63
CA PRO C 185 33.47 -17.51 -33.94
C PRO C 185 32.75 -18.04 -35.18
N GLU C 186 31.93 -19.09 -35.00
CA GLU C 186 31.13 -19.76 -36.03
C GLU C 186 29.88 -18.92 -36.41
N ASN C 187 29.56 -17.91 -35.59
CA ASN C 187 28.43 -17.03 -35.87
C ASN C 187 28.94 -15.58 -35.99
N PRO C 188 29.44 -15.18 -37.18
CA PRO C 188 29.92 -13.80 -37.33
C PRO C 188 28.86 -12.72 -37.15
N GLN C 189 27.57 -13.05 -37.37
CA GLN C 189 26.47 -12.09 -37.23
C GLN C 189 26.05 -11.83 -35.77
N HIS C 190 26.67 -12.55 -34.79
CA HIS C 190 26.35 -12.46 -33.35
C HIS C 190 26.42 -11.03 -32.78
N PHE C 191 27.45 -10.22 -33.12
CA PHE C 191 27.59 -8.85 -32.61
C PHE C 191 26.44 -7.98 -33.11
N ALA C 192 26.16 -8.02 -34.42
CA ALA C 192 25.04 -7.33 -35.10
C ALA C 192 23.69 -7.74 -34.49
N CYS C 193 23.54 -9.03 -34.13
CA CYS C 193 22.32 -9.56 -33.49
C CYS C 193 22.14 -8.93 -32.11
N LEU C 194 23.24 -8.78 -31.33
CA LEU C 194 23.22 -8.16 -30.01
C LEU C 194 22.80 -6.70 -30.14
N LEU C 195 23.36 -5.99 -31.15
CA LEU C 195 23.03 -4.57 -31.36
C LEU C 195 21.59 -4.42 -31.80
N GLY C 196 21.08 -5.37 -32.58
CA GLY C 196 19.69 -5.41 -33.03
C GLY C 196 18.69 -5.51 -31.88
N ARG C 197 19.06 -6.23 -30.83
CA ARG C 197 18.26 -6.39 -29.62
C ARG C 197 18.23 -5.10 -28.77
N LEU C 198 19.26 -4.22 -28.94
CA LEU C 198 19.31 -2.91 -28.26
C LEU C 198 18.22 -2.00 -28.79
N THR C 199 17.92 -2.11 -30.09
CA THR C 199 16.86 -1.36 -30.77
C THR C 199 15.52 -1.76 -30.12
N GLU C 200 15.24 -3.08 -30.00
CA GLU C 200 14.03 -3.61 -29.36
C GLU C 200 13.95 -3.18 -27.88
N LEU C 201 15.09 -3.19 -27.17
CA LEU C 201 15.17 -2.75 -25.78
C LEU C 201 14.71 -1.27 -25.61
N ARG C 202 15.04 -0.39 -26.58
CA ARG C 202 14.66 1.04 -26.56
C ARG C 202 13.14 1.27 -26.63
N THR C 203 12.37 0.33 -27.20
CA THR C 203 10.91 0.43 -27.27
C THR C 203 10.26 0.44 -25.86
N PHE C 204 10.94 -0.14 -24.84
CA PHE C 204 10.42 -0.21 -23.46
C PHE C 204 10.36 1.16 -22.77
N ASN C 205 11.14 2.15 -23.25
CA ASN C 205 11.10 3.52 -22.72
C ASN C 205 9.74 4.15 -22.95
N HIS C 206 9.25 4.05 -24.18
CA HIS C 206 7.97 4.60 -24.63
C HIS C 206 6.80 3.97 -23.91
N HIS C 207 6.94 2.70 -23.50
CA HIS C 207 5.85 1.93 -22.88
C HIS C 207 5.97 1.60 -21.37
N HIS C 208 7.09 1.90 -20.66
CA HIS C 208 7.20 1.53 -19.23
C HIS C 208 6.09 2.11 -18.35
N ALA C 209 5.77 3.41 -18.49
CA ALA C 209 4.76 4.09 -17.67
C ALA C 209 3.40 3.39 -17.81
N GLU C 210 2.91 3.20 -19.05
CA GLU C 210 1.64 2.53 -19.31
C GLU C 210 1.66 1.08 -18.79
N MET C 211 2.82 0.37 -18.90
CA MET C 211 2.98 -0.99 -18.39
CA MET C 211 2.99 -1.00 -18.39
C MET C 211 2.72 -1.01 -16.86
N LEU C 212 3.33 -0.06 -16.13
CA LEU C 212 3.19 0.06 -14.67
C LEU C 212 1.77 0.41 -14.26
N MET C 213 1.16 1.42 -14.93
CA MET C 213 -0.20 1.85 -14.64
C MET C 213 -1.27 0.82 -15.07
N SER C 214 -0.91 -0.18 -15.92
CA SER C 214 -1.79 -1.28 -16.39
C SER C 214 -2.00 -2.32 -15.28
N TRP C 215 -1.12 -2.32 -14.25
CA TRP C 215 -1.13 -3.29 -13.16
C TRP C 215 -2.45 -3.32 -12.45
N ARG C 216 -2.92 -4.54 -12.17
CA ARG C 216 -4.20 -4.77 -11.49
CA ARG C 216 -4.20 -4.79 -11.49
C ARG C 216 -4.06 -4.47 -10.00
N VAL C 217 -3.88 -3.19 -9.65
CA VAL C 217 -3.74 -2.73 -8.26
C VAL C 217 -4.63 -1.49 -8.08
N ASN C 218 -5.10 -1.23 -6.84
CA ASN C 218 -5.99 -0.10 -6.55
C ASN C 218 -5.25 1.24 -6.53
N ASP C 219 -4.11 1.32 -5.83
CA ASP C 219 -3.27 2.52 -5.74
C ASP C 219 -1.84 2.21 -6.19
N HIS C 220 -1.41 2.83 -7.30
CA HIS C 220 -0.08 2.58 -7.83
C HIS C 220 0.97 3.44 -7.10
N LYS C 221 1.41 2.99 -5.91
CA LYS C 221 2.40 3.72 -5.10
C LYS C 221 3.84 3.50 -5.61
N PHE C 222 4.60 4.59 -5.76
CA PHE C 222 6.00 4.54 -6.17
C PHE C 222 6.88 5.31 -5.17
N THR C 223 8.10 4.84 -4.98
CA THR C 223 9.07 5.50 -4.08
C THR C 223 9.61 6.80 -4.73
N PRO C 224 10.01 7.84 -3.94
CA PRO C 224 10.55 9.07 -4.56
C PRO C 224 11.67 8.83 -5.58
N LEU C 225 12.57 7.88 -5.31
CA LEU C 225 13.64 7.56 -6.26
C LEU C 225 13.09 7.03 -7.60
N LEU C 226 12.03 6.20 -7.58
CA LEU C 226 11.45 5.68 -8.81
C LEU C 226 10.77 6.79 -9.62
N CYS C 227 10.18 7.79 -8.95
CA CYS C 227 9.54 8.93 -9.61
C CYS C 227 10.54 9.79 -10.40
N GLU C 228 11.85 9.70 -10.05
CA GLU C 228 12.94 10.41 -10.72
C GLU C 228 13.40 9.75 -12.02
N ILE C 229 13.29 8.41 -12.13
CA ILE C 229 13.72 7.67 -13.33
C ILE C 229 12.55 7.15 -14.18
N TRP C 230 11.37 7.05 -13.59
CA TRP C 230 10.20 6.57 -14.31
C TRP C 230 9.20 7.70 -14.57
N ASP C 231 8.45 7.61 -15.68
CA ASP C 231 7.45 8.62 -16.04
C ASP C 231 6.09 8.36 -15.32
N VAL C 232 6.17 8.24 -13.98
CA VAL C 232 5.04 7.97 -13.09
C VAL C 232 5.04 8.96 -11.91
N GLN C 233 3.89 9.09 -11.23
CA GLN C 233 3.69 9.95 -10.05
C GLN C 233 2.96 9.13 -9.00
N ASP D 2 12.27 16.99 -10.34
CA ASP D 2 13.66 17.15 -9.89
C ASP D 2 14.44 15.84 -9.92
N HIS D 3 15.79 15.93 -10.07
CA HIS D 3 16.68 14.76 -10.04
C HIS D 3 17.67 14.89 -8.87
N GLN D 4 17.19 15.46 -7.74
CA GLN D 4 17.99 15.68 -6.53
C GLN D 4 18.56 14.38 -5.96
N LEU D 5 17.75 13.29 -5.95
CA LEU D 5 18.20 12.01 -5.43
C LEU D 5 19.27 11.37 -6.34
N LEU D 6 19.09 11.44 -7.68
CA LEU D 6 20.07 10.89 -8.61
C LEU D 6 21.37 11.67 -8.48
N ARG D 7 21.25 13.02 -8.36
CA ARG D 7 22.39 13.92 -8.17
CA ARG D 7 22.39 13.91 -8.16
C ARG D 7 23.13 13.51 -6.90
N TYR D 8 22.38 13.23 -5.80
CA TYR D 8 22.95 12.81 -4.52
C TYR D 8 23.76 11.53 -4.68
N LEU D 9 23.15 10.46 -5.23
CA LEU D 9 23.82 9.17 -5.43
C LEU D 9 25.06 9.25 -6.31
N LEU D 10 25.03 10.09 -7.36
CA LEU D 10 26.17 10.29 -8.26
C LEU D 10 27.34 11.06 -7.62
N ASP D 11 27.04 11.93 -6.63
CA ASP D 11 28.06 12.78 -6.00
C ASP D 11 28.54 12.40 -4.60
N LYS D 12 27.80 11.55 -3.86
CA LYS D 12 28.12 11.14 -2.49
C LYS D 12 29.50 10.47 -2.33
C4 9MD E . -26.88 -4.36 19.56
C5 9MD E . -27.49 -3.21 20.08
C6 9MD E . -27.58 -3.05 21.46
C8 9MD E . -28.52 -1.35 20.41
C10 9MD E . -29.14 -0.03 20.21
C13 9MD E . -29.76 -1.66 23.73
C20 9MD E . -31.02 -3.47 24.94
C21 9MD E . -29.77 -3.14 24.08
C22 9MD E . -24.56 1.08 23.23
C24 9MD E . -22.14 0.50 22.97
C26 9MD E . -23.88 -1.34 22.90
C28 9MD E . -28.55 2.20 19.49
C19 9MD E . -32.31 -2.98 24.28
C18 9MD E . -32.18 -1.51 23.84
O17 9MD E . -30.96 -1.30 23.02
C11 9MD E . -28.58 -1.13 22.93
C12 9MD E . -27.30 -0.90 23.72
O14 9MD E . -27.28 -0.94 24.95
N15 9MD E . -26.22 -0.65 22.99
C16 9MD E . -24.91 -0.40 23.52
C23 9MD E . -23.14 1.41 23.63
C25 9MD E . -22.45 -0.96 23.31
N7 9MD E . -28.24 -1.84 21.65
C3 9MD E . -27.07 -3.96 22.36
C2 9MD E . -26.47 -5.09 21.84
C1 9MD E . -26.39 -5.27 20.47
N9 9MD E . -28.09 -2.13 19.44
C27 9MD E . -28.20 0.89 19.73
C29 9MD E . -29.84 2.61 19.74
C31 9MD E . -30.80 1.75 20.23
C30 9MD E . -30.45 0.42 20.47
CL34 9MD E . -30.25 4.28 19.44
F32 9MD E . -25.79 -6.39 20.01
CL33 9MD E . -25.83 -6.27 22.92
C4 9MD F . 11.85 -11.31 -15.46
C5 9MD F . 11.14 -10.21 -14.97
C6 9MD F . 10.99 -10.04 -13.59
C8 9MD F . 10.00 -8.39 -14.70
C10 9MD F . 9.27 -7.15 -14.97
C13 9MD F . 8.92 -9.15 -11.32
C20 9MD F . 6.90 -10.71 -11.33
C21 9MD F . 7.90 -9.89 -12.20
C22 9MD F . 13.64 -5.46 -12.06
C24 9MD F . 16.14 -5.84 -12.00
C26 9MD F . 14.52 -7.82 -12.03
C28 9MD F . 9.42 -4.79 -15.51
C19 9MD F . 6.27 -9.86 -10.25
C18 9MD F . 7.36 -9.11 -9.46
O17 9MD F . 8.23 -8.32 -10.36
C11 9MD F . 9.82 -8.23 -12.17
C12 9MD F . 11.08 -7.76 -11.39
O14 9MD F . 11.12 -7.75 -10.16
N15 9MD F . 12.11 -7.36 -12.14
C16 9MD F . 13.38 -6.89 -11.60
C23 9MD F . 14.99 -4.95 -11.54
C25 9MD F . 15.90 -7.28 -11.54
N7 9MD F . 10.25 -8.87 -13.44
C3 9MD F . 11.51 -10.93 -12.66
C2 9MD F . 12.20 -12.01 -13.15
C1 9MD F . 12.37 -12.20 -14.52
N9 9MD F . 10.52 -9.16 -15.65
C27 9MD F . 10.03 -6.01 -15.25
C29 9MD F . 8.05 -4.71 -15.49
C31 9MD F . 7.26 -5.82 -15.21
C30 9MD F . 7.88 -7.04 -14.95
CL34 9MD F . 7.28 -3.17 -15.81
F32 9MD F . 13.06 -13.27 -14.96
CL33 9MD F . 12.86 -13.14 -12.02
#